data_9V4Z
#
_entry.id   9V4Z
#
_cell.length_a   37.820
_cell.length_b   50.408
_cell.length_c   219.758
_cell.angle_alpha   90.00
_cell.angle_beta   90.00
_cell.angle_gamma   90.00
#
_symmetry.space_group_name_H-M   'C 2 2 21'
#
loop_
_entity.id
_entity.type
_entity.pdbx_description
1 polymer 'RNA (71-MER)'
2 non-polymer 8-OXOGUANINE
3 non-polymer 'MAGNESIUM ION'
4 water water
#
_entity_poly.entity_id   1
_entity_poly.type   'polyribonucleotide'
_entity_poly.pdbx_seq_one_letter_code
;(GTP)GGUUGUAUAAGCUCGUUAAUUUGGAAUGAGCGUAUCUACAGGCAACCGUAAAUUGCCCCAGGCUACAAUC
;
_entity_poly.pdbx_strand_id   A
#